data_5ODG
#
_entry.id   5ODG
#
_cell.length_a   104.990
_cell.length_b   104.990
_cell.length_c   72.490
_cell.angle_alpha   90.00
_cell.angle_beta   90.00
_cell.angle_gamma   90.00
#
_symmetry.space_group_name_H-M   'I 41'
#
loop_
_entity.id
_entity.type
_entity.pdbx_description
1 polymer 'Mothers against decapentaplegic homolog 3'
2 polymer "DNA (5'-D(P*CP*AP*GP*GP*CP*TP*AP*GP*CP*CP*TP*GP*CP*A)-3')"
3 non-polymer 'ZINC ION'
4 non-polymer 'CHLORIDE ION'
5 water water
#
loop_
_entity_poly.entity_id
_entity_poly.type
_entity_poly.pdbx_seq_one_letter_code
_entity_poly.pdbx_strand_id
1 'polypeptide(L)'
;GAMIVKRLLGWKKGEQNGQEEKWCEKAVKSLVKKLKKTGQLDELEKAITTQNVNTKCITIPRSLDGRLQVSHRKGLPHVI
YCRLWRWPDLHSHHELRAMELCEFAFNMKKDEVCVNPYHYQRVETPVL
;
A,B
2 'polydeoxyribonucleotide' (DT)(DG)(DC)(DA)(DG)(DG)(DC)(DT)(DA)(DG)(DC)(DC)(DT)(DG)(DC)(DA) D,E
#
# COMPACT_ATOMS: atom_id res chain seq x y z
N MET A 3 -11.04 8.35 -28.05
CA MET A 3 -11.85 7.47 -27.20
C MET A 3 -11.39 7.44 -25.73
N ILE A 4 -12.35 7.72 -24.84
CA ILE A 4 -12.24 7.74 -23.40
C ILE A 4 -11.81 6.38 -22.86
N VAL A 5 -12.32 5.28 -23.42
CA VAL A 5 -11.96 3.94 -22.96
C VAL A 5 -10.43 3.75 -23.08
N LYS A 6 -9.84 4.01 -24.26
CA LYS A 6 -8.41 3.87 -24.55
C LYS A 6 -7.55 4.78 -23.66
N ARG A 7 -8.04 6.02 -23.43
CA ARG A 7 -7.38 6.99 -22.56
C ARG A 7 -7.34 6.46 -21.14
N LEU A 8 -8.48 5.99 -20.62
CA LEU A 8 -8.57 5.46 -19.27
C LEU A 8 -7.72 4.20 -19.10
N LEU A 9 -7.69 3.32 -20.12
CA LEU A 9 -6.86 2.12 -20.17
C LEU A 9 -5.35 2.41 -20.16
N GLY A 10 -4.94 3.58 -20.68
CA GLY A 10 -3.54 4.01 -20.63
C GLY A 10 -3.08 4.23 -19.19
N TRP A 11 -4.03 4.48 -18.27
CA TRP A 11 -3.73 4.70 -16.84
C TRP A 11 -3.77 3.42 -15.98
N LYS A 12 -3.99 2.28 -16.63
CA LYS A 12 -4.08 0.99 -16.00
C LYS A 12 -2.72 0.59 -15.37
N LYS A 13 -2.79 -0.01 -14.17
CA LYS A 13 -1.60 -0.47 -13.46
C LYS A 13 -1.32 -1.93 -13.73
N GLY A 14 -0.05 -2.31 -13.54
CA GLY A 14 0.44 -3.69 -13.65
C GLY A 14 0.77 -4.13 -15.06
N GLU A 15 1.37 -5.33 -15.16
CA GLU A 15 1.69 -5.94 -16.46
C GLU A 15 0.60 -6.97 -16.71
N GLN A 16 -0.05 -6.85 -17.85
CA GLN A 16 -1.14 -7.72 -18.24
C GLN A 16 -0.78 -8.48 -19.49
N ASN A 17 -1.23 -9.74 -19.56
CA ASN A 17 -1.06 -10.60 -20.72
C ASN A 17 -2.20 -10.23 -21.70
N GLY A 18 -2.33 -10.98 -22.79
CA GLY A 18 -3.35 -10.76 -23.82
C GLY A 18 -4.77 -10.89 -23.31
N GLN A 19 -5.04 -11.96 -22.53
CA GLN A 19 -6.34 -12.26 -21.95
C GLN A 19 -6.78 -11.22 -20.89
N GLU A 20 -5.87 -10.76 -20.02
CA GLU A 20 -6.21 -9.78 -19.01
C GLU A 20 -6.45 -8.41 -19.59
N GLU A 21 -5.69 -8.03 -20.63
CA GLU A 21 -5.83 -6.79 -21.36
C GLU A 21 -7.27 -6.67 -21.92
N LYS A 22 -7.78 -7.74 -22.57
CA LYS A 22 -9.15 -7.81 -23.12
C LYS A 22 -10.22 -7.70 -22.03
N TRP A 23 -10.03 -8.39 -20.89
CA TRP A 23 -10.95 -8.29 -19.76
C TRP A 23 -10.93 -6.87 -19.20
N CYS A 24 -9.73 -6.28 -18.97
CA CYS A 24 -9.60 -4.92 -18.47
C CYS A 24 -10.35 -3.93 -19.34
N GLU A 25 -10.27 -4.08 -20.68
CA GLU A 25 -10.99 -3.24 -21.66
C GLU A 25 -12.49 -3.37 -21.47
N LYS A 26 -12.99 -4.60 -21.27
CA LYS A 26 -14.39 -4.85 -21.00
C LYS A 26 -14.89 -4.19 -19.69
N ALA A 27 -14.09 -4.28 -18.61
CA ALA A 27 -14.33 -3.64 -17.30
C ALA A 27 -14.47 -2.12 -17.43
N VAL A 28 -13.61 -1.47 -18.22
CA VAL A 28 -13.62 0.00 -18.48
C VAL A 28 -14.83 0.38 -19.33
N LYS A 29 -15.11 -0.38 -20.40
CA LYS A 29 -16.28 -0.21 -21.26
C LYS A 29 -17.58 -0.27 -20.44
N SER A 30 -17.72 -1.33 -19.60
CA SER A 30 -18.88 -1.53 -18.71
C SER A 30 -19.12 -0.29 -17.80
N LEU A 31 -18.04 0.24 -17.14
CA LEU A 31 -18.13 1.42 -16.28
C LEU A 31 -18.48 2.68 -17.09
N VAL A 32 -17.84 2.87 -18.25
CA VAL A 32 -18.06 4.02 -19.14
C VAL A 32 -19.54 4.10 -19.60
N LYS A 33 -20.17 2.93 -19.89
CA LYS A 33 -21.57 2.85 -20.30
C LYS A 33 -22.48 3.35 -19.15
N LYS A 34 -22.28 2.83 -17.92
CA LYS A 34 -23.02 3.20 -16.71
C LYS A 34 -22.93 4.69 -16.33
N LEU A 35 -21.72 5.26 -16.41
CA LEU A 35 -21.48 6.67 -16.04
C LEU A 35 -22.00 7.64 -17.08
N LYS A 36 -21.96 7.24 -18.37
CA LYS A 36 -22.50 8.07 -19.47
C LYS A 36 -23.99 8.35 -19.28
N LYS A 37 -24.77 7.34 -18.83
CA LYS A 37 -26.20 7.54 -18.64
C LYS A 37 -26.55 8.40 -17.39
N THR A 38 -25.61 8.56 -16.43
CA THR A 38 -25.83 9.36 -15.21
C THR A 38 -25.02 10.67 -15.20
N GLY A 39 -24.37 10.99 -16.32
CA GLY A 39 -23.59 12.22 -16.49
C GLY A 39 -22.36 12.31 -15.59
N GLN A 40 -21.78 11.14 -15.25
CA GLN A 40 -20.63 10.99 -14.35
C GLN A 40 -19.30 10.66 -15.04
N LEU A 41 -19.27 10.66 -16.39
CA LEU A 41 -18.08 10.28 -17.16
C LEU A 41 -16.93 11.27 -17.01
N ASP A 42 -17.20 12.59 -17.11
CA ASP A 42 -16.19 13.65 -16.94
C ASP A 42 -15.48 13.56 -15.57
N GLU A 43 -16.26 13.27 -14.51
CA GLU A 43 -15.76 13.03 -13.15
C GLU A 43 -14.77 11.85 -13.11
N LEU A 44 -15.02 10.77 -13.87
CA LEU A 44 -14.11 9.63 -13.91
C LEU A 44 -12.81 9.99 -14.63
N GLU A 45 -12.93 10.68 -15.77
CA GLU A 45 -11.75 11.14 -16.51
C GLU A 45 -10.87 12.03 -15.60
N LYS A 46 -11.47 13.00 -14.89
CA LYS A 46 -10.76 13.88 -13.97
C LYS A 46 -10.04 13.08 -12.86
N ALA A 47 -10.75 12.12 -12.24
CA ALA A 47 -10.13 11.36 -11.14
C ALA A 47 -8.98 10.48 -11.58
N ILE A 48 -9.11 9.81 -12.72
CA ILE A 48 -8.11 8.86 -13.20
C ILE A 48 -6.91 9.55 -13.79
N THR A 49 -7.17 10.45 -14.75
CA THR A 49 -6.10 11.19 -15.45
C THR A 49 -5.35 12.19 -14.53
N THR A 50 -5.93 12.62 -13.39
CA THR A 50 -5.21 13.58 -12.53
C THR A 50 -4.88 13.03 -11.15
N GLN A 51 -5.47 11.86 -10.76
CA GLN A 51 -5.24 11.19 -9.48
C GLN A 51 -5.64 12.10 -8.31
N ASN A 52 -6.75 12.81 -8.48
CA ASN A 52 -7.22 13.82 -7.53
C ASN A 52 -8.22 13.26 -6.51
N VAL A 53 -7.88 13.32 -5.19
CA VAL A 53 -8.74 12.85 -4.08
C VAL A 53 -9.94 13.81 -3.89
N ASN A 54 -9.74 15.07 -4.31
CA ASN A 54 -10.75 16.12 -4.22
C ASN A 54 -11.63 16.16 -5.49
N THR A 55 -12.24 15.01 -5.77
CA THR A 55 -13.16 14.81 -6.86
C THR A 55 -14.44 14.31 -6.19
N LYS A 56 -15.58 14.40 -6.88
CA LYS A 56 -16.86 13.91 -6.37
C LYS A 56 -16.88 12.38 -6.31
N CYS A 57 -17.89 11.80 -5.66
CA CYS A 57 -18.13 10.38 -5.66
C CYS A 57 -18.50 9.95 -7.07
N ILE A 58 -18.00 8.80 -7.53
CA ILE A 58 -18.31 8.27 -8.85
C ILE A 58 -19.13 7.01 -8.55
N THR A 59 -20.46 7.11 -8.62
CA THR A 59 -21.36 6.05 -8.19
C THR A 59 -22.02 5.26 -9.29
N ILE A 60 -22.31 4.00 -8.98
CA ILE A 60 -23.05 3.04 -9.80
C ILE A 60 -24.06 2.38 -8.84
N PRO A 61 -25.20 1.82 -9.35
CA PRO A 61 -26.15 1.18 -8.44
C PRO A 61 -25.55 -0.03 -7.72
N ARG A 62 -25.88 -0.20 -6.44
CA ARG A 62 -25.41 -1.32 -5.64
C ARG A 62 -26.32 -2.54 -5.92
N SER A 63 -25.70 -3.71 -6.20
CA SER A 63 -26.41 -4.97 -6.43
C SER A 63 -26.69 -5.61 -5.06
N LEU A 64 -27.60 -6.61 -5.01
CA LEU A 64 -28.02 -7.33 -3.79
C LEU A 64 -26.86 -7.89 -2.95
N ASP A 65 -25.87 -8.50 -3.62
CA ASP A 65 -24.70 -9.09 -2.96
C ASP A 65 -23.46 -8.20 -3.03
N GLY A 66 -23.60 -7.04 -3.65
CA GLY A 66 -22.52 -6.07 -3.82
C GLY A 66 -21.62 -6.34 -5.00
N ARG A 67 -21.62 -7.58 -5.57
CA ARG A 67 -20.75 -7.93 -6.70
C ARG A 67 -21.23 -7.37 -8.03
N LEU A 68 -20.29 -7.27 -8.96
CA LEU A 68 -20.45 -6.84 -10.34
C LEU A 68 -19.86 -7.93 -11.24
N GLN A 69 -20.60 -8.32 -12.26
CA GLN A 69 -20.12 -9.27 -13.24
C GLN A 69 -19.75 -8.54 -14.53
N VAL A 70 -18.54 -8.83 -15.01
CA VAL A 70 -17.97 -8.31 -16.26
C VAL A 70 -17.34 -9.52 -16.93
N SER A 71 -17.75 -9.81 -18.20
CA SER A 71 -17.21 -10.87 -19.06
C SER A 71 -16.80 -12.16 -18.30
N HIS A 72 -17.78 -12.73 -17.61
CA HIS A 72 -17.82 -14.01 -16.89
C HIS A 72 -17.11 -14.00 -15.54
N ARG A 73 -16.57 -12.84 -15.14
CA ARG A 73 -15.90 -12.71 -13.85
C ARG A 73 -16.74 -11.83 -12.92
N LYS A 74 -16.86 -12.23 -11.65
CA LYS A 74 -17.60 -11.49 -10.61
C LYS A 74 -16.65 -10.94 -9.56
N GLY A 75 -16.90 -9.72 -9.12
CA GLY A 75 -16.12 -9.11 -8.04
C GLY A 75 -16.77 -7.87 -7.48
N LEU A 76 -16.22 -7.31 -6.38
CA LEU A 76 -16.72 -6.04 -5.83
C LEU A 76 -16.22 -4.91 -6.72
N PRO A 77 -17.13 -4.07 -7.25
CA PRO A 77 -16.72 -3.01 -8.20
C PRO A 77 -15.68 -2.01 -7.68
N HIS A 78 -15.66 -1.62 -6.39
CA HIS A 78 -14.63 -0.66 -5.89
C HIS A 78 -13.27 -1.37 -5.88
N VAL A 79 -13.24 -2.67 -5.60
CA VAL A 79 -12.03 -3.53 -5.66
C VAL A 79 -11.58 -3.62 -7.13
N ILE A 80 -12.50 -3.92 -8.07
CA ILE A 80 -12.18 -4.02 -9.52
C ILE A 80 -11.49 -2.75 -10.03
N TYR A 81 -12.07 -1.59 -9.76
CA TYR A 81 -11.55 -0.34 -10.28
C TYR A 81 -10.35 0.19 -9.48
N CYS A 82 -10.21 -0.13 -8.17
CA CYS A 82 -9.01 0.22 -7.39
C CYS A 82 -7.83 -0.61 -7.84
N ARG A 83 -8.08 -1.90 -8.19
CA ARG A 83 -7.04 -2.82 -8.67
C ARG A 83 -6.51 -2.37 -10.04
N LEU A 84 -7.45 -1.99 -10.94
CA LEU A 84 -7.15 -1.55 -12.28
C LEU A 84 -6.31 -0.28 -12.32
N TRP A 85 -6.67 0.73 -11.53
CA TRP A 85 -6.04 2.04 -11.58
C TRP A 85 -5.08 2.40 -10.45
N ARG A 86 -5.07 1.63 -9.38
CA ARG A 86 -4.15 1.99 -8.30
C ARG A 86 -3.29 0.84 -7.75
N TRP A 87 -3.90 -0.28 -7.37
CA TRP A 87 -3.19 -1.37 -6.68
C TRP A 87 -3.39 -2.70 -7.40
N PRO A 88 -2.52 -3.02 -8.40
CA PRO A 88 -2.71 -4.27 -9.18
C PRO A 88 -2.71 -5.57 -8.39
N ASP A 89 -2.05 -5.59 -7.24
CA ASP A 89 -2.00 -6.79 -6.39
C ASP A 89 -3.07 -6.77 -5.29
N LEU A 90 -4.00 -5.81 -5.31
CA LEU A 90 -5.04 -5.69 -4.31
C LEU A 90 -5.75 -7.05 -4.19
N HIS A 91 -5.74 -7.63 -2.98
CA HIS A 91 -6.31 -8.94 -2.69
C HIS A 91 -7.83 -8.90 -2.51
N SER A 92 -8.32 -8.03 -1.60
CA SER A 92 -9.76 -7.97 -1.30
C SER A 92 -10.22 -6.61 -0.80
N HIS A 93 -11.53 -6.52 -0.50
CA HIS A 93 -12.19 -5.33 0.04
C HIS A 93 -11.71 -5.06 1.48
N HIS A 94 -11.15 -6.08 2.16
CA HIS A 94 -10.60 -5.98 3.53
C HIS A 94 -9.35 -5.11 3.56
N GLU A 95 -8.71 -4.93 2.38
CA GLU A 95 -7.54 -4.09 2.19
C GLU A 95 -7.89 -2.70 1.67
N LEU A 96 -9.19 -2.35 1.66
CA LEU A 96 -9.60 -0.99 1.26
C LEU A 96 -10.39 -0.35 2.36
N ARG A 97 -10.11 0.93 2.63
CA ARG A 97 -10.91 1.75 3.53
C ARG A 97 -11.27 3.06 2.81
N ALA A 98 -12.53 3.49 2.89
CA ALA A 98 -12.89 4.75 2.24
C ALA A 98 -12.36 5.97 3.04
N MET A 99 -12.04 7.07 2.32
CA MET A 99 -11.62 8.34 2.92
C MET A 99 -12.84 8.94 3.61
N GLU A 100 -12.61 9.83 4.59
CA GLU A 100 -13.66 10.49 5.37
C GLU A 100 -14.72 11.22 4.51
N LEU A 101 -14.30 11.85 3.41
CA LEU A 101 -15.20 12.61 2.56
C LEU A 101 -16.01 11.76 1.58
N CYS A 102 -15.72 10.43 1.49
CA CYS A 102 -16.51 9.60 0.59
C CYS A 102 -17.89 9.34 1.16
N GLU A 103 -18.92 9.92 0.53
CA GLU A 103 -20.31 9.80 0.92
C GLU A 103 -20.97 8.49 0.50
N PHE A 104 -20.45 7.80 -0.53
CA PHE A 104 -21.06 6.55 -1.01
C PHE A 104 -20.13 5.34 -0.94
N ALA A 105 -19.19 5.35 0.01
CA ALA A 105 -18.23 4.25 0.24
C ALA A 105 -18.93 2.91 0.34
N PHE A 106 -18.26 1.84 -0.10
CA PHE A 106 -18.78 0.49 -0.12
C PHE A 106 -19.35 0.04 1.24
N ASN A 107 -18.59 0.30 2.33
CA ASN A 107 -18.92 -0.08 3.72
C ASN A 107 -20.25 0.50 4.21
N MET A 108 -20.66 1.66 3.67
CA MET A 108 -21.89 2.36 4.02
C MET A 108 -23.14 1.63 3.57
N LYS A 109 -23.02 0.75 2.55
CA LYS A 109 -24.09 -0.08 1.97
C LYS A 109 -25.35 0.76 1.62
N LYS A 110 -25.11 1.91 0.96
CA LYS A 110 -26.16 2.82 0.46
C LYS A 110 -26.70 2.23 -0.86
N ASP A 111 -27.73 2.85 -1.47
CA ASP A 111 -28.33 2.39 -2.73
C ASP A 111 -27.34 2.47 -3.89
N GLU A 112 -26.37 3.40 -3.78
CA GLU A 112 -25.32 3.65 -4.75
C GLU A 112 -23.99 3.37 -4.09
N VAL A 113 -23.02 2.90 -4.88
CA VAL A 113 -21.67 2.57 -4.43
C VAL A 113 -20.64 3.40 -5.21
N CYS A 114 -19.75 4.06 -4.46
CA CYS A 114 -18.66 4.83 -5.05
C CYS A 114 -17.49 3.94 -5.49
N VAL A 115 -17.08 4.11 -6.74
CA VAL A 115 -16.00 3.36 -7.39
C VAL A 115 -14.87 4.31 -7.82
N ASN A 116 -14.82 5.50 -7.25
CA ASN A 116 -13.75 6.46 -7.51
C ASN A 116 -12.55 5.90 -6.75
N PRO A 117 -11.45 5.43 -7.43
CA PRO A 117 -10.33 4.82 -6.69
C PRO A 117 -9.63 5.76 -5.73
N TYR A 118 -9.74 7.08 -5.98
CA TYR A 118 -9.10 8.10 -5.15
C TYR A 118 -9.96 8.48 -3.95
N HIS A 119 -11.04 7.73 -3.69
CA HIS A 119 -11.89 7.86 -2.50
C HIS A 119 -11.63 6.72 -1.53
N TYR A 120 -10.63 5.89 -1.86
CA TYR A 120 -10.21 4.75 -1.07
C TYR A 120 -8.71 4.83 -0.78
N GLN A 121 -8.33 4.18 0.32
CA GLN A 121 -6.94 4.04 0.73
C GLN A 121 -6.69 2.55 1.05
N ARG A 122 -5.50 2.08 0.68
CA ARG A 122 -5.10 0.72 0.88
C ARG A 122 -4.68 0.58 2.31
N VAL A 123 -5.10 -0.51 2.95
CA VAL A 123 -4.77 -0.81 4.34
C VAL A 123 -4.23 -2.24 4.40
N GLU A 124 -3.43 -2.52 5.41
CA GLU A 124 -2.94 -3.87 5.62
C GLU A 124 -4.14 -4.75 6.03
N THR A 125 -4.11 -6.02 5.71
CA THR A 125 -5.17 -6.95 6.07
C THR A 125 -5.45 -6.84 7.57
N PRO A 126 -6.72 -6.65 7.99
CA PRO A 126 -7.04 -6.58 9.44
C PRO A 126 -6.46 -7.73 10.27
N VAL A 127 -6.05 -7.39 11.51
CA VAL A 127 -5.47 -8.35 12.45
C VAL A 127 -6.60 -9.19 13.08
N LEU A 128 -7.64 -8.52 13.66
CA LEU A 128 -8.80 -9.17 14.30
C LEU A 128 -10.10 -8.90 13.51
N MET B 3 25.85 -4.92 -5.77
CA MET B 3 25.48 -3.96 -4.72
C MET B 3 24.32 -4.42 -3.84
N ILE B 4 24.57 -4.42 -2.54
CA ILE B 4 23.64 -4.76 -1.47
C ILE B 4 22.42 -3.81 -1.45
N VAL B 5 22.62 -2.52 -1.80
CA VAL B 5 21.52 -1.54 -1.84
C VAL B 5 20.51 -1.96 -2.91
N LYS B 6 20.97 -2.21 -4.16
CA LYS B 6 20.12 -2.68 -5.28
C LYS B 6 19.40 -4.01 -4.95
N ARG B 7 20.08 -4.94 -4.24
CA ARG B 7 19.53 -6.25 -3.86
C ARG B 7 18.44 -6.11 -2.80
N LEU B 8 18.70 -5.31 -1.75
CA LEU B 8 17.73 -5.09 -0.67
C LEU B 8 16.50 -4.33 -1.18
N LEU B 9 16.69 -3.39 -2.12
CA LEU B 9 15.62 -2.63 -2.81
C LEU B 9 14.71 -3.53 -3.67
N GLY B 10 15.25 -4.66 -4.16
CA GLY B 10 14.47 -5.64 -4.92
C GLY B 10 13.41 -6.29 -4.05
N TRP B 11 13.61 -6.26 -2.71
CA TRP B 11 12.67 -6.83 -1.73
C TRP B 11 11.64 -5.80 -1.19
N LYS B 12 11.69 -4.57 -1.71
CA LYS B 12 10.82 -3.47 -1.32
C LYS B 12 9.36 -3.78 -1.69
N LYS B 13 8.45 -3.44 -0.78
CA LYS B 13 7.02 -3.62 -0.98
C LYS B 13 6.35 -2.34 -1.52
N GLY B 14 5.22 -2.53 -2.18
CA GLY B 14 4.38 -1.46 -2.71
C GLY B 14 4.77 -0.90 -4.05
N GLU B 15 3.92 0.02 -4.54
CA GLU B 15 4.05 0.73 -5.81
C GLU B 15 4.57 2.11 -5.49
N GLN B 16 5.71 2.48 -6.10
CA GLN B 16 6.36 3.77 -5.86
C GLN B 16 6.55 4.56 -7.14
N ASN B 17 6.36 5.88 -7.08
CA ASN B 17 6.61 6.78 -8.20
C ASN B 17 8.14 7.08 -8.23
N GLY B 18 8.58 8.00 -9.10
CA GLY B 18 9.98 8.39 -9.23
C GLY B 18 10.60 8.97 -7.96
N GLN B 19 9.87 9.91 -7.32
CA GLN B 19 10.28 10.58 -6.09
C GLN B 19 10.34 9.64 -4.87
N GLU B 20 9.37 8.70 -4.73
CA GLU B 20 9.39 7.76 -3.59
C GLU B 20 10.47 6.72 -3.74
N GLU B 21 10.73 6.28 -4.97
CA GLU B 21 11.77 5.32 -5.33
C GLU B 21 13.13 5.86 -4.85
N LYS B 22 13.44 7.16 -5.16
CA LYS B 22 14.68 7.84 -4.74
C LYS B 22 14.79 7.92 -3.23
N TRP B 23 13.69 8.27 -2.52
CA TRP B 23 13.68 8.31 -1.07
C TRP B 23 13.90 6.91 -0.49
N CYS B 24 13.19 5.88 -1.01
CA CYS B 24 13.38 4.50 -0.55
C CYS B 24 14.83 4.04 -0.69
N GLU B 25 15.49 4.38 -1.80
CA GLU B 25 16.92 4.10 -2.05
C GLU B 25 17.81 4.76 -1.00
N LYS B 26 17.49 6.01 -0.64
CA LYS B 26 18.20 6.75 0.41
C LYS B 26 18.03 6.09 1.76
N ALA B 27 16.80 5.61 2.08
CA ALA B 27 16.52 4.89 3.34
C ALA B 27 17.37 3.65 3.50
N VAL B 28 17.50 2.86 2.43
CA VAL B 28 18.27 1.62 2.39
C VAL B 28 19.77 1.93 2.51
N LYS B 29 20.26 2.92 1.72
CA LYS B 29 21.65 3.42 1.78
C LYS B 29 22.00 3.86 3.22
N SER B 30 21.15 4.69 3.85
CA SER B 30 21.33 5.18 5.22
C SER B 30 21.49 4.01 6.22
N LEU B 31 20.61 2.97 6.15
CA LEU B 31 20.68 1.78 7.02
C LEU B 31 21.94 0.96 6.74
N VAL B 32 22.28 0.74 5.45
CA VAL B 32 23.46 -0.01 5.02
C VAL B 32 24.76 0.62 5.58
N LYS B 33 24.84 1.97 5.60
CA LYS B 33 26.00 2.70 6.12
C LYS B 33 26.17 2.42 7.63
N LYS B 34 25.09 2.55 8.41
CA LYS B 34 25.04 2.31 9.86
C LYS B 34 25.39 0.88 10.27
N LEU B 35 24.86 -0.13 9.54
CA LEU B 35 25.10 -1.54 9.85
C LEU B 35 26.49 -2.00 9.45
N LYS B 36 27.05 -1.43 8.37
CA LYS B 36 28.41 -1.74 7.92
C LYS B 36 29.45 -1.43 9.00
N LYS B 37 29.28 -0.30 9.72
CA LYS B 37 30.23 0.07 10.77
C LYS B 37 30.10 -0.79 12.05
N THR B 38 28.95 -1.49 12.25
CA THR B 38 28.72 -2.34 13.43
C THR B 38 28.76 -3.86 13.10
N GLY B 39 29.09 -4.19 11.85
CA GLY B 39 29.19 -5.56 11.36
C GLY B 39 27.88 -6.33 11.35
N GLN B 40 26.76 -5.65 11.12
CA GLN B 40 25.44 -6.29 11.11
C GLN B 40 24.80 -6.35 9.74
N LEU B 41 25.53 -5.97 8.67
CA LEU B 41 24.99 -5.96 7.31
C LEU B 41 24.55 -7.34 6.82
N ASP B 42 25.37 -8.39 7.04
CA ASP B 42 25.03 -9.78 6.65
C ASP B 42 23.71 -10.26 7.31
N GLU B 43 23.43 -9.83 8.56
CA GLU B 43 22.22 -10.19 9.30
C GLU B 43 20.96 -9.59 8.66
N LEU B 44 21.05 -8.32 8.21
CA LEU B 44 20.00 -7.63 7.48
C LEU B 44 19.72 -8.37 6.17
N GLU B 45 20.77 -8.67 5.39
CA GLU B 45 20.60 -9.44 4.15
C GLU B 45 19.83 -10.75 4.47
N LYS B 46 20.26 -11.49 5.51
CA LYS B 46 19.62 -12.72 5.98
C LYS B 46 18.14 -12.51 6.32
N ALA B 47 17.81 -11.54 7.19
CA ALA B 47 16.42 -11.30 7.56
C ALA B 47 15.51 -10.92 6.38
N ILE B 48 15.98 -10.01 5.49
CA ILE B 48 15.18 -9.50 4.35
C ILE B 48 14.96 -10.57 3.26
N THR B 49 15.99 -11.33 2.92
CA THR B 49 15.92 -12.36 1.89
C THR B 49 15.31 -13.69 2.36
N THR B 50 15.36 -14.00 3.68
CA THR B 50 14.79 -15.26 4.22
C THR B 50 13.50 -15.06 5.02
N GLN B 51 13.12 -13.80 5.37
CA GLN B 51 11.91 -13.51 6.20
C GLN B 51 11.92 -14.32 7.51
N ASN B 52 13.13 -14.66 8.00
CA ASN B 52 13.26 -15.47 9.20
C ASN B 52 13.18 -14.64 10.46
N VAL B 53 12.20 -15.00 11.27
CA VAL B 53 11.92 -14.37 12.56
C VAL B 53 13.06 -14.76 13.54
N ASN B 54 13.71 -15.91 13.30
CA ASN B 54 14.81 -16.43 14.11
C ASN B 54 16.17 -15.95 13.59
N THR B 55 16.29 -14.64 13.51
CA THR B 55 17.47 -13.88 13.14
C THR B 55 17.76 -13.00 14.36
N LYS B 56 19.00 -12.51 14.49
CA LYS B 56 19.38 -11.63 15.60
C LYS B 56 18.71 -10.24 15.43
N CYS B 57 18.79 -9.42 16.49
CA CYS B 57 18.31 -8.05 16.46
C CYS B 57 19.21 -7.27 15.51
N ILE B 58 18.63 -6.38 14.72
CA ILE B 58 19.37 -5.55 13.77
C ILE B 58 19.22 -4.16 14.36
N THR B 59 20.25 -3.75 15.12
CA THR B 59 20.23 -2.53 15.91
C THR B 59 20.95 -1.33 15.31
N ILE B 60 20.38 -0.16 15.55
CA ILE B 60 20.93 1.16 15.24
C ILE B 60 20.84 1.99 16.51
N PRO B 61 21.69 3.03 16.71
CA PRO B 61 21.57 3.83 17.94
C PRO B 61 20.23 4.57 18.02
N ARG B 62 19.66 4.63 19.22
CA ARG B 62 18.39 5.31 19.46
C ARG B 62 18.67 6.82 19.62
N SER B 63 17.86 7.66 18.94
CA SER B 63 17.95 9.11 19.05
C SER B 63 17.11 9.55 20.25
N LEU B 64 17.31 10.79 20.77
CA LEU B 64 16.61 11.36 21.93
C LEU B 64 15.09 11.33 21.82
N ASP B 65 14.53 11.62 20.63
CA ASP B 65 13.08 11.61 20.39
C ASP B 65 12.58 10.35 19.70
N GLY B 66 13.51 9.43 19.41
CA GLY B 66 13.18 8.17 18.75
C GLY B 66 13.13 8.22 17.24
N ARG B 67 12.96 9.42 16.65
CA ARG B 67 12.88 9.56 15.20
C ARG B 67 14.24 9.41 14.50
N LEU B 68 14.18 9.10 13.21
CA LEU B 68 15.29 8.96 12.29
C LEU B 68 14.97 9.86 11.08
N GLN B 69 15.99 10.60 10.64
CA GLN B 69 15.85 11.38 9.45
C GLN B 69 16.57 10.70 8.29
N VAL B 70 15.82 10.44 7.23
CA VAL B 70 16.36 9.92 6.00
C VAL B 70 16.01 11.02 5.01
N SER B 71 17.04 11.55 4.31
CA SER B 71 16.91 12.65 3.37
C SER B 71 16.33 13.87 4.15
N HIS B 72 15.13 14.29 3.86
CA HIS B 72 14.56 15.43 4.58
C HIS B 72 13.27 15.06 5.32
N ARG B 73 13.05 13.76 5.46
CA ARG B 73 11.86 13.19 6.10
C ARG B 73 12.27 12.55 7.41
N LYS B 74 11.47 12.80 8.46
CA LYS B 74 11.67 12.21 9.78
C LYS B 74 10.57 11.18 10.11
N GLY B 75 10.95 10.07 10.73
CA GLY B 75 10.00 9.05 11.18
C GLY B 75 10.61 8.07 12.16
N LEU B 76 9.82 7.14 12.68
CA LEU B 76 10.34 6.11 13.58
C LEU B 76 10.99 5.01 12.74
N PRO B 77 12.27 4.68 13.02
CA PRO B 77 13.00 3.73 12.14
C PRO B 77 12.42 2.34 11.98
N HIS B 78 11.81 1.76 13.03
CA HIS B 78 11.22 0.41 12.89
C HIS B 78 9.99 0.48 11.98
N VAL B 79 9.25 1.59 12.04
CA VAL B 79 8.11 1.87 11.16
C VAL B 79 8.64 2.02 9.71
N ILE B 80 9.69 2.85 9.50
CA ILE B 80 10.31 3.05 8.18
C ILE B 80 10.65 1.71 7.50
N TYR B 81 11.40 0.86 8.20
CA TYR B 81 11.90 -0.37 7.61
C TYR B 81 10.86 -1.49 7.56
N CYS B 82 9.84 -1.48 8.48
CA CYS B 82 8.71 -2.42 8.41
C CYS B 82 7.82 -2.08 7.26
N ARG B 83 7.64 -0.78 6.95
CA ARG B 83 6.86 -0.29 5.80
C ARG B 83 7.56 -0.63 4.48
N LEU B 84 8.88 -0.49 4.47
CA LEU B 84 9.70 -0.72 3.28
C LEU B 84 9.68 -2.17 2.83
N TRP B 85 9.83 -3.09 3.78
CA TRP B 85 9.97 -4.51 3.50
C TRP B 85 8.81 -5.40 3.85
N ARG B 86 7.84 -4.93 4.64
CA ARG B 86 6.71 -5.81 4.97
C ARG B 86 5.34 -5.21 4.72
N TRP B 87 5.06 -4.03 5.30
CA TRP B 87 3.72 -3.46 5.26
C TRP B 87 3.71 -2.06 4.68
N PRO B 88 3.57 -1.92 3.33
CA PRO B 88 3.64 -0.57 2.73
C PRO B 88 2.55 0.40 3.21
N ASP B 89 1.42 -0.15 3.73
CA ASP B 89 0.32 0.67 4.23
C ASP B 89 0.26 0.72 5.73
N LEU B 90 1.42 0.47 6.37
CA LEU B 90 1.54 0.58 7.82
C LEU B 90 1.41 2.08 8.14
N HIS B 91 0.44 2.43 8.98
CA HIS B 91 0.21 3.84 9.24
C HIS B 91 0.98 4.37 10.46
N SER B 92 1.15 3.59 11.57
CA SER B 92 1.96 4.08 12.70
C SER B 92 2.56 2.98 13.55
N HIS B 93 3.37 3.42 14.55
CA HIS B 93 4.02 2.57 15.54
C HIS B 93 2.98 1.88 16.45
N HIS B 94 1.75 2.46 16.55
CA HIS B 94 0.62 1.95 17.34
C HIS B 94 0.05 0.64 16.79
N GLU B 95 0.24 0.38 15.48
CA GLU B 95 -0.15 -0.83 14.75
C GLU B 95 0.93 -1.96 14.80
N LEU B 96 2.11 -1.72 15.40
CA LEU B 96 3.24 -2.65 15.58
C LEU B 96 3.52 -3.03 17.02
N ARG B 97 3.95 -4.28 17.23
CA ARG B 97 4.35 -4.82 18.52
C ARG B 97 5.53 -5.73 18.27
N ALA B 98 6.56 -5.64 19.13
CA ALA B 98 7.73 -6.50 18.98
C ALA B 98 7.43 -7.91 19.44
N MET B 99 8.08 -8.92 18.82
CA MET B 99 7.94 -10.33 19.20
C MET B 99 8.62 -10.51 20.55
N GLU B 100 8.25 -11.58 21.29
CA GLU B 100 8.82 -11.91 22.61
C GLU B 100 10.36 -12.01 22.61
N LEU B 101 10.96 -12.57 21.53
CA LEU B 101 12.41 -12.75 21.42
C LEU B 101 13.19 -11.47 21.07
N CYS B 102 12.49 -10.38 20.70
CA CYS B 102 13.19 -9.15 20.39
C CYS B 102 13.70 -8.46 21.65
N GLU B 103 15.03 -8.47 21.81
CA GLU B 103 15.70 -7.85 22.94
C GLU B 103 15.81 -6.32 22.84
N PHE B 104 15.77 -5.74 21.63
CA PHE B 104 15.94 -4.28 21.45
C PHE B 104 14.73 -3.56 20.81
N ALA B 105 13.51 -4.03 21.12
CA ALA B 105 12.23 -3.51 20.66
C ALA B 105 12.12 -2.00 20.87
N PHE B 106 11.48 -1.29 19.91
CA PHE B 106 11.28 0.16 20.00
C PHE B 106 10.68 0.56 21.36
N ASN B 107 9.59 -0.12 21.78
CA ASN B 107 8.86 0.13 23.02
C ASN B 107 9.68 0.02 24.28
N MET B 108 10.77 -0.77 24.25
CA MET B 108 11.69 -1.00 25.36
C MET B 108 12.54 0.22 25.70
N LYS B 109 12.69 1.15 24.74
CA LYS B 109 13.43 2.39 24.82
C LYS B 109 14.87 2.21 25.36
N LYS B 110 15.57 1.18 24.82
CA LYS B 110 16.96 0.88 25.17
C LYS B 110 17.88 1.82 24.38
N ASP B 111 19.21 1.78 24.61
CA ASP B 111 20.18 2.65 23.92
C ASP B 111 20.26 2.36 22.42
N GLU B 112 19.91 1.14 22.05
CA GLU B 112 19.87 0.67 20.67
C GLU B 112 18.43 0.27 20.37
N VAL B 113 18.05 0.44 19.10
CA VAL B 113 16.70 0.12 18.63
C VAL B 113 16.77 -0.91 17.50
N CYS B 114 16.00 -1.99 17.64
CA CYS B 114 15.93 -3.02 16.61
C CYS B 114 14.99 -2.62 15.46
N VAL B 115 15.51 -2.72 14.23
CA VAL B 115 14.81 -2.38 12.99
C VAL B 115 14.68 -3.62 12.09
N ASN B 116 14.83 -4.82 12.68
CA ASN B 116 14.66 -6.07 11.94
C ASN B 116 13.16 -6.18 11.74
N PRO B 117 12.61 -6.07 10.49
CA PRO B 117 11.15 -6.11 10.33
C PRO B 117 10.49 -7.39 10.81
N TYR B 118 11.27 -8.49 10.84
CA TYR B 118 10.78 -9.81 11.24
C TYR B 118 10.82 -10.00 12.75
N HIS B 119 11.10 -8.92 13.50
CA HIS B 119 11.07 -8.91 14.97
C HIS B 119 9.81 -8.16 15.43
N TYR B 120 8.96 -7.76 14.48
CA TYR B 120 7.73 -7.03 14.72
C TYR B 120 6.54 -7.74 14.08
N GLN B 121 5.38 -7.51 14.65
CA GLN B 121 4.11 -8.05 14.17
C GLN B 121 3.06 -6.91 14.16
N ARG B 122 2.08 -6.99 13.27
CA ARG B 122 1.00 -6.03 13.26
C ARG B 122 -0.03 -6.38 14.34
N VAL B 123 -0.58 -5.36 14.97
CA VAL B 123 -1.59 -5.43 16.02
C VAL B 123 -2.77 -4.52 15.70
N GLU B 124 -3.94 -4.84 16.26
CA GLU B 124 -5.11 -3.99 16.09
C GLU B 124 -4.80 -2.60 16.65
N THR B 125 -5.20 -1.57 15.88
CA THR B 125 -5.04 -0.17 16.21
C THR B 125 -5.73 0.06 17.55
N PRO B 126 -5.04 0.61 18.58
CA PRO B 126 -5.67 0.80 19.90
C PRO B 126 -7.03 1.51 19.90
N VAL B 127 -7.37 2.25 18.80
CA VAL B 127 -8.62 3.01 18.62
C VAL B 127 -9.77 2.11 18.18
#